data_6JL1
#
_entry.id   6JL1
#
_cell.length_a   54.397
_cell.length_b   54.397
_cell.length_c   233.181
_cell.angle_alpha   90.00
_cell.angle_beta   90.00
_cell.angle_gamma   120.00
#
_symmetry.space_group_name_H-M   'P 31 2 1'
#
loop_
_entity.id
_entity.type
_entity.pdbx_description
1 polymer 'Thermolabile hemolysin'
2 water water
#
_entity_poly.entity_id   1
_entity_poly.type   'polypeptide(L)'
_entity_poly.pdbx_seq_one_letter_code
;MGKKITILLGALLPFTSAVADEPALSPEAITSAQVFSTQSKETYTYVRCWYRTGNSHDESATDWEWAENPDGSYFTIDGY
WWSSVRLKNMFYTNTSQNVIKQRCEETLGVTHDAADITYFAADNRWSYNHTIWTNDPVMQADQINKIVAFGDSLSDTGNI
FNAAQWRFPNPDTWFLGHFSNGFVWTEYIAQAKKLPLYNWAVGGAAGSNQYVALTGVKDQVLSYLTYAKMAKNYKPENTL
FTLEFGLNDFMNYNREVVDVKTDFSTALIKLTDAGAKNIMLMTLPDATKAPQFKYSTQAEIEKVRAKIVEFNEFIKAQAA
FYIIQGYNITLYDTHGLFEQLTQNPQQHGFVNASDACLNINRASSADYLYSHSLTNECATHSSDKYVFWDVTHPTTAVHK
YIAEKMLAPGAGMQRFNFHHHHHH
;
_entity_poly.pdbx_strand_id   A
#
# COMPACT_ATOMS: atom_id res chain seq x y z
N ALA A 24 -8.51 -10.46 19.09
CA ALA A 24 -9.27 -9.29 18.61
C ALA A 24 -10.65 -9.68 18.03
N LEU A 25 -10.81 -9.68 16.68
CA LEU A 25 -12.08 -10.05 16.03
C LEU A 25 -11.88 -10.89 14.76
N SER A 26 -12.71 -11.92 14.62
CA SER A 26 -12.68 -12.92 13.55
C SER A 26 -13.96 -12.86 12.70
N PRO A 27 -13.91 -13.32 11.42
CA PRO A 27 -15.13 -13.28 10.59
C PRO A 27 -16.30 -14.10 11.13
N GLU A 28 -16.03 -15.19 11.87
CA GLU A 28 -17.08 -16.07 12.41
C GLU A 28 -17.91 -15.41 13.51
N ALA A 29 -17.41 -14.27 14.07
CA ALA A 29 -18.12 -13.48 15.09
C ALA A 29 -19.34 -12.80 14.47
N ILE A 30 -19.24 -12.50 13.17
CA ILE A 30 -20.30 -11.89 12.37
C ILE A 30 -21.31 -12.97 11.97
N THR A 31 -22.57 -12.80 12.36
CA THR A 31 -23.66 -13.73 12.03
C THR A 31 -24.30 -13.33 10.69
N SER A 32 -25.09 -14.24 10.08
CA SER A 32 -25.80 -13.95 8.83
C SER A 32 -26.92 -12.92 9.03
N ALA A 33 -27.48 -12.83 10.26
CA ALA A 33 -28.48 -11.82 10.59
C ALA A 33 -27.83 -10.42 10.54
N GLN A 34 -26.59 -10.32 11.06
CA GLN A 34 -25.81 -9.08 11.06
C GLN A 34 -25.43 -8.66 9.61
N VAL A 35 -25.09 -9.63 8.75
CA VAL A 35 -24.73 -9.39 7.35
C VAL A 35 -25.96 -8.83 6.63
N PHE A 36 -27.15 -9.46 6.83
CA PHE A 36 -28.39 -8.99 6.19
C PHE A 36 -28.70 -7.55 6.62
N SER A 37 -28.66 -7.31 7.95
CA SER A 37 -28.91 -6.04 8.62
C SER A 37 -27.97 -4.93 8.13
N THR A 38 -26.69 -5.22 7.98
CA THR A 38 -25.68 -4.26 7.48
C THR A 38 -25.86 -3.92 5.99
N GLN A 39 -26.17 -4.93 5.16
CA GLN A 39 -26.39 -4.78 3.72
C GLN A 39 -27.73 -4.10 3.41
N SER A 40 -28.69 -4.14 4.36
CA SER A 40 -29.99 -3.53 4.15
C SER A 40 -29.96 -2.00 4.28
N LYS A 41 -29.01 -1.46 5.09
CA LYS A 41 -28.92 -0.04 5.39
C LYS A 41 -28.37 0.78 4.23
N GLU A 42 -29.18 1.00 3.16
CA GLU A 42 -28.82 1.78 1.98
C GLU A 42 -28.92 3.29 2.21
N THR A 43 -27.77 3.91 2.38
CA THR A 43 -27.60 5.33 2.64
C THR A 43 -26.77 5.94 1.50
N TYR A 44 -26.26 7.18 1.70
CA TYR A 44 -25.40 7.87 0.73
C TYR A 44 -24.29 8.61 1.49
N THR A 45 -23.23 9.02 0.76
CA THR A 45 -22.09 9.78 1.27
C THR A 45 -21.49 10.60 0.13
N TYR A 46 -20.56 11.51 0.45
CA TYR A 46 -19.82 12.33 -0.52
C TYR A 46 -18.44 11.70 -0.76
N VAL A 47 -17.73 12.17 -1.79
CA VAL A 47 -16.39 11.68 -2.16
C VAL A 47 -15.43 12.88 -2.05
N ARG A 48 -14.31 12.68 -1.35
CA ARG A 48 -13.28 13.69 -1.22
C ARG A 48 -12.23 13.32 -2.29
N CYS A 49 -12.01 14.20 -3.28
CA CYS A 49 -11.04 13.98 -4.37
C CYS A 49 -9.75 14.68 -3.99
N TRP A 50 -8.65 13.92 -3.73
CA TRP A 50 -7.33 14.51 -3.44
C TRP A 50 -6.49 14.56 -4.69
N TYR A 51 -5.57 15.52 -4.76
CA TYR A 51 -4.65 15.71 -5.89
C TYR A 51 -3.36 16.39 -5.40
N ARG A 52 -2.23 16.11 -6.08
CA ARG A 52 -0.96 16.77 -5.81
C ARG A 52 -1.09 18.23 -6.30
N THR A 53 -0.76 19.22 -5.46
CA THR A 53 -0.92 20.61 -5.92
C THR A 53 0.29 21.04 -6.76
N GLY A 54 1.49 20.55 -6.39
CA GLY A 54 2.74 20.80 -7.11
C GLY A 54 2.75 20.06 -8.44
N ASN A 55 3.67 20.40 -9.33
CA ASN A 55 3.68 19.77 -10.66
C ASN A 55 4.79 18.73 -10.88
N SER A 56 5.37 18.19 -9.82
CA SER A 56 6.40 17.14 -9.92
C SER A 56 6.43 16.38 -8.62
N HIS A 57 7.07 15.20 -8.61
CA HIS A 57 7.18 14.36 -7.40
C HIS A 57 8.03 14.98 -6.26
N ASP A 58 8.73 16.10 -6.52
CA ASP A 58 9.53 16.81 -5.51
C ASP A 58 8.62 17.42 -4.46
N GLU A 59 7.35 17.67 -4.82
CA GLU A 59 6.37 18.34 -3.97
C GLU A 59 5.27 17.40 -3.65
N SER A 60 5.19 16.97 -2.39
CA SER A 60 4.24 15.99 -1.85
C SER A 60 2.89 16.56 -1.42
N ALA A 61 2.82 17.89 -1.19
CA ALA A 61 1.61 18.57 -0.71
C ALA A 61 0.38 18.25 -1.60
N THR A 62 -0.72 17.99 -0.91
CA THR A 62 -2.00 17.67 -1.53
C THR A 62 -3.06 18.64 -1.03
N ASP A 63 -4.18 18.70 -1.77
CA ASP A 63 -5.39 19.43 -1.43
C ASP A 63 -6.55 18.62 -1.98
N TRP A 64 -7.77 19.00 -1.66
CA TRP A 64 -8.94 18.25 -2.06
C TRP A 64 -10.09 19.18 -2.41
N GLU A 65 -11.12 18.62 -3.08
CA GLU A 65 -12.44 19.22 -3.35
C GLU A 65 -13.40 18.05 -3.28
N TRP A 66 -14.70 18.31 -3.06
CA TRP A 66 -15.70 17.25 -3.06
C TRP A 66 -15.98 16.89 -4.54
N ALA A 67 -16.23 15.61 -4.83
CA ALA A 67 -16.57 15.20 -6.21
C ALA A 67 -17.89 15.87 -6.59
N GLU A 68 -18.02 16.24 -7.87
CA GLU A 68 -19.22 16.89 -8.39
C GLU A 68 -19.79 16.08 -9.54
N ASN A 69 -21.08 16.32 -9.84
CA ASN A 69 -21.75 15.75 -10.98
C ASN A 69 -21.37 16.66 -12.17
N PRO A 70 -21.56 16.23 -13.45
CA PRO A 70 -21.24 17.14 -14.58
C PRO A 70 -21.74 18.60 -14.47
N ASP A 71 -22.88 18.81 -13.78
CA ASP A 71 -23.43 20.16 -13.63
C ASP A 71 -22.76 21.02 -12.52
N GLY A 72 -21.89 20.44 -11.69
CA GLY A 72 -21.25 21.19 -10.62
C GLY A 72 -21.83 21.01 -9.22
N SER A 73 -22.98 20.31 -9.13
CA SER A 73 -23.65 19.94 -7.88
C SER A 73 -22.84 18.79 -7.24
N TYR A 74 -22.88 18.63 -5.92
CA TYR A 74 -22.10 17.60 -5.23
C TYR A 74 -22.48 16.20 -5.64
N PHE A 75 -21.48 15.37 -5.91
CA PHE A 75 -21.67 13.98 -6.29
C PHE A 75 -21.86 13.14 -5.04
N THR A 76 -22.73 12.17 -5.13
CA THR A 76 -22.97 11.24 -4.02
C THR A 76 -23.04 9.80 -4.55
N ILE A 77 -22.67 8.86 -3.68
CA ILE A 77 -22.74 7.42 -3.92
C ILE A 77 -23.65 6.78 -2.88
N ASP A 78 -24.50 5.86 -3.33
CA ASP A 78 -25.43 5.10 -2.50
C ASP A 78 -24.69 3.83 -2.03
N GLY A 79 -25.06 3.32 -0.85
CA GLY A 79 -24.45 2.12 -0.31
C GLY A 79 -24.56 2.07 1.19
N TYR A 80 -23.76 1.21 1.83
CA TYR A 80 -23.78 1.02 3.28
C TYR A 80 -22.37 1.07 3.87
N TRP A 81 -22.30 1.44 5.16
CA TRP A 81 -21.08 1.50 5.95
C TRP A 81 -20.90 0.27 6.80
N TRP A 82 -19.64 -0.15 7.00
CA TRP A 82 -19.27 -1.19 7.96
C TRP A 82 -17.85 -1.03 8.50
N SER A 83 -17.68 -1.33 9.81
CA SER A 83 -16.46 -1.39 10.61
C SER A 83 -16.70 -2.19 11.93
N SER A 84 -15.59 -2.53 12.61
CA SER A 84 -15.58 -3.25 13.90
C SER A 84 -15.31 -2.28 15.06
N VAL A 85 -14.67 -1.11 14.78
CA VAL A 85 -14.33 -0.09 15.79
C VAL A 85 -14.85 1.30 15.40
N LYS A 88 -13.10 1.86 12.01
CA LYS A 88 -12.35 2.23 10.80
C LYS A 88 -13.23 1.89 9.59
N ASN A 89 -14.36 2.58 9.51
CA ASN A 89 -15.44 2.47 8.55
C ASN A 89 -15.05 2.37 7.09
N MET A 90 -15.71 1.45 6.38
CA MET A 90 -15.57 1.26 4.94
C MET A 90 -16.99 1.43 4.29
N PHE A 91 -17.07 2.04 3.10
CA PHE A 91 -18.35 2.25 2.42
C PHE A 91 -18.44 1.29 1.22
N TYR A 92 -19.53 0.51 1.17
CA TYR A 92 -19.75 -0.47 0.09
C TYR A 92 -20.78 0.11 -0.85
N THR A 93 -20.48 0.17 -2.16
CA THR A 93 -21.38 0.75 -3.17
C THR A 93 -21.43 -0.15 -4.41
N ASN A 94 -22.38 0.10 -5.29
CA ASN A 94 -22.47 -0.55 -6.59
C ASN A 94 -21.91 0.41 -7.68
N THR A 95 -21.54 1.67 -7.28
CA THR A 95 -20.95 2.64 -8.21
C THR A 95 -19.55 2.15 -8.55
N SER A 96 -19.28 1.98 -9.84
CA SER A 96 -17.97 1.51 -10.30
C SER A 96 -16.85 2.46 -9.88
N GLN A 97 -15.67 1.89 -9.66
CA GLN A 97 -14.46 2.62 -9.31
C GLN A 97 -14.04 3.57 -10.43
N ASN A 98 -14.20 3.13 -11.70
CA ASN A 98 -13.87 3.97 -12.88
C ASN A 98 -14.75 5.21 -12.92
N VAL A 99 -16.05 5.08 -12.52
CA VAL A 99 -16.99 6.21 -12.52
C VAL A 99 -16.52 7.23 -11.50
N ILE A 100 -16.20 6.77 -10.26
CA ILE A 100 -15.74 7.66 -9.17
C ILE A 100 -14.47 8.43 -9.58
N LYS A 101 -13.49 7.74 -10.18
CA LYS A 101 -12.23 8.38 -10.61
C LYS A 101 -12.52 9.45 -11.65
N GLN A 102 -13.34 9.10 -12.65
CA GLN A 102 -13.76 10.04 -13.71
C GLN A 102 -14.39 11.33 -13.14
N ARG A 103 -15.35 11.18 -12.20
CA ARG A 103 -16.00 12.26 -11.51
C ARG A 103 -14.99 13.16 -10.76
N CYS A 104 -13.91 12.59 -10.16
CA CYS A 104 -12.84 13.33 -9.48
C CYS A 104 -11.96 14.05 -10.49
N GLU A 105 -11.61 13.38 -11.61
CA GLU A 105 -10.82 14.00 -12.72
C GLU A 105 -11.59 15.18 -13.37
N GLU A 106 -12.88 15.02 -13.63
CA GLU A 106 -13.65 16.12 -14.23
C GLU A 106 -13.80 17.30 -13.26
N THR A 107 -13.98 17.02 -11.94
CA THR A 107 -14.15 18.05 -10.88
C THR A 107 -12.89 18.88 -10.70
N LEU A 108 -11.73 18.22 -10.55
CA LEU A 108 -10.48 18.92 -10.28
C LEU A 108 -9.89 19.60 -11.50
N GLY A 109 -10.00 18.95 -12.65
CA GLY A 109 -9.51 19.46 -13.92
C GLY A 109 -8.05 19.84 -13.89
N VAL A 110 -7.23 19.00 -13.25
CA VAL A 110 -5.80 19.21 -13.09
C VAL A 110 -5.15 19.06 -14.45
N THR A 111 -4.29 20.03 -14.77
CA THR A 111 -3.64 20.10 -16.08
C THR A 111 -2.13 19.75 -16.01
N HIS A 112 -1.62 19.32 -14.83
CA HIS A 112 -0.23 18.88 -14.68
C HIS A 112 -0.14 17.36 -14.65
N ASP A 113 1.04 16.79 -14.99
CA ASP A 113 1.28 15.33 -15.12
C ASP A 113 1.30 14.50 -13.82
N ALA A 114 1.55 15.13 -12.66
CA ALA A 114 1.67 14.33 -11.44
C ALA A 114 0.50 14.53 -10.48
N ALA A 115 -0.74 14.69 -11.05
CA ALA A 115 -2.00 14.89 -10.32
C ALA A 115 -2.16 13.85 -9.24
N ASP A 116 -1.86 12.57 -9.60
CA ASP A 116 -1.85 11.43 -8.69
C ASP A 116 -3.08 11.46 -7.77
N ILE A 117 -4.22 11.55 -8.42
CA ILE A 117 -5.52 11.65 -7.78
C ILE A 117 -5.90 10.35 -7.06
N THR A 118 -6.46 10.50 -5.85
CA THR A 118 -7.02 9.43 -5.04
C THR A 118 -8.31 9.96 -4.45
N TYR A 119 -9.22 9.07 -4.08
CA TYR A 119 -10.56 9.40 -3.65
C TYR A 119 -11.05 8.54 -2.53
N PHE A 120 -11.85 9.14 -1.63
CA PHE A 120 -12.34 8.46 -0.43
C PHE A 120 -13.78 8.87 -0.11
N ALA A 121 -14.47 8.08 0.73
CA ALA A 121 -15.83 8.37 1.21
C ALA A 121 -15.71 9.27 2.46
N ALA A 122 -16.57 10.32 2.54
CA ALA A 122 -16.67 11.24 3.70
C ALA A 122 -18.02 11.92 3.68
N ASP A 123 -18.66 12.03 4.85
CA ASP A 123 -19.93 12.73 5.00
C ASP A 123 -19.73 14.23 5.06
N ASN A 124 -18.63 14.69 5.69
CA ASN A 124 -18.33 16.12 5.87
C ASN A 124 -16.83 16.38 6.06
N ARG A 125 -16.45 17.66 6.27
CA ARG A 125 -15.04 18.09 6.38
C ARG A 125 -14.31 17.57 7.64
N TRP A 126 -15.05 17.17 8.69
CA TRP A 126 -14.47 16.63 9.92
C TRP A 126 -14.21 15.13 9.86
N SER A 127 -14.73 14.45 8.85
CA SER A 127 -14.56 13.01 8.68
C SER A 127 -13.17 12.72 8.07
N TYR A 128 -12.55 11.59 8.44
CA TYR A 128 -11.27 11.27 7.84
C TYR A 128 -11.48 10.45 6.54
N ASN A 129 -10.40 9.98 5.89
CA ASN A 129 -10.48 9.28 4.62
C ASN A 129 -10.88 7.83 4.74
N HIS A 130 -12.07 7.48 4.23
CA HIS A 130 -12.61 6.12 4.28
C HIS A 130 -12.60 5.48 2.93
N THR A 131 -12.11 4.26 2.88
CA THR A 131 -12.10 3.46 1.66
C THR A 131 -13.50 3.24 1.11
N ILE A 132 -13.62 3.38 -0.22
CA ILE A 132 -14.83 3.01 -0.98
C ILE A 132 -14.57 1.63 -1.62
N TRP A 133 -15.45 0.65 -1.32
CA TRP A 133 -15.41 -0.71 -1.87
C TRP A 133 -16.58 -0.87 -2.85
N THR A 134 -16.29 -1.20 -4.12
CA THR A 134 -17.32 -1.47 -5.11
C THR A 134 -17.67 -2.93 -5.00
N ASN A 135 -18.88 -3.24 -4.58
CA ASN A 135 -19.40 -4.62 -4.49
C ASN A 135 -19.39 -5.28 -5.86
N ASP A 136 -19.07 -6.56 -5.89
CA ASP A 136 -18.95 -7.40 -7.06
C ASP A 136 -20.34 -7.75 -7.60
N PRO A 137 -20.45 -8.06 -8.93
CA PRO A 137 -21.79 -8.39 -9.46
C PRO A 137 -22.12 -9.87 -9.26
N VAL A 138 -23.36 -10.26 -9.50
CA VAL A 138 -23.79 -11.66 -9.36
C VAL A 138 -23.13 -12.50 -10.45
N MET A 139 -23.18 -12.02 -11.70
CA MET A 139 -22.58 -12.67 -12.87
C MET A 139 -21.09 -12.45 -12.78
N GLN A 140 -20.39 -13.48 -12.35
CA GLN A 140 -18.96 -13.44 -12.13
C GLN A 140 -18.33 -14.71 -12.62
N ALA A 141 -17.21 -14.59 -13.32
CA ALA A 141 -16.49 -15.78 -13.77
C ALA A 141 -15.18 -15.92 -12.93
N ASP A 142 -14.01 -16.15 -13.54
CA ASP A 142 -12.76 -16.33 -12.81
C ASP A 142 -11.75 -15.19 -12.99
N GLN A 143 -12.14 -14.07 -13.55
CA GLN A 143 -11.19 -12.97 -13.76
C GLN A 143 -10.88 -12.22 -12.45
N ILE A 144 -9.67 -11.67 -12.34
CA ILE A 144 -9.21 -10.88 -11.20
C ILE A 144 -9.99 -9.57 -11.26
N ASN A 145 -10.70 -9.22 -10.18
CA ASN A 145 -11.51 -8.00 -10.14
C ASN A 145 -11.07 -6.96 -9.06
N LYS A 146 -10.05 -7.28 -8.27
CA LYS A 146 -9.51 -6.33 -7.26
C LYS A 146 -8.16 -6.78 -6.77
N ILE A 147 -7.40 -5.85 -6.12
CA ILE A 147 -6.10 -6.13 -5.47
C ILE A 147 -6.26 -5.85 -3.99
N VAL A 148 -5.76 -6.76 -3.13
CA VAL A 148 -5.82 -6.62 -1.69
C VAL A 148 -4.43 -6.69 -1.14
N ALA A 149 -3.99 -5.60 -0.52
CA ALA A 149 -2.62 -5.47 -0.03
C ALA A 149 -2.43 -5.61 1.45
N PHE A 150 -1.47 -6.45 1.83
CA PHE A 150 -1.00 -6.67 3.20
C PHE A 150 0.47 -6.27 3.22
N GLY A 151 0.88 -5.61 4.30
CA GLY A 151 2.25 -5.16 4.42
C GLY A 151 2.52 -4.12 5.48
N ASP A 152 3.60 -3.37 5.24
CA ASP A 152 4.11 -2.37 6.16
C ASP A 152 4.29 -1.00 5.46
N SER A 153 5.26 -0.16 5.89
CA SER A 153 5.45 1.15 5.28
C SER A 153 5.91 1.10 3.79
N LEU A 154 6.19 -0.09 3.25
CA LEU A 154 6.55 -0.22 1.84
C LEU A 154 5.28 -0.28 0.97
N SER A 155 4.13 -0.65 1.59
CA SER A 155 2.83 -0.76 0.93
C SER A 155 1.77 0.21 1.47
N ASP A 156 1.91 0.75 2.71
CA ASP A 156 0.82 1.57 3.29
C ASP A 156 0.45 2.80 2.46
N THR A 157 -0.87 2.98 2.18
CA THR A 157 -1.43 4.08 1.38
C THR A 157 -2.26 5.06 2.23
N GLY A 158 -2.38 4.82 3.54
CA GLY A 158 -3.11 5.73 4.41
C GLY A 158 -3.62 5.25 5.76
N ASN A 159 -3.43 3.97 6.12
CA ASN A 159 -3.94 3.42 7.38
C ASN A 159 -3.32 4.04 8.65
N ILE A 160 -1.97 4.19 8.72
CA ILE A 160 -1.38 4.82 9.92
C ILE A 160 -1.72 6.35 9.97
N PHE A 161 -1.79 6.99 8.77
CA PHE A 161 -2.11 8.41 8.52
C PHE A 161 -3.47 8.80 9.07
N ASN A 162 -4.53 8.00 8.78
CA ASN A 162 -5.88 8.25 9.30
C ASN A 162 -5.93 8.03 10.82
N ALA A 163 -5.18 7.03 11.32
CA ALA A 163 -5.08 6.72 12.75
C ALA A 163 -4.35 7.86 13.49
N ALA A 164 -3.42 8.54 12.80
CA ALA A 164 -2.63 9.65 13.34
C ALA A 164 -3.31 11.00 13.10
N GLN A 165 -4.59 10.98 12.65
CA GLN A 165 -5.42 12.16 12.35
C GLN A 165 -4.70 13.12 11.37
N TRP A 166 -4.02 12.53 10.38
CA TRP A 166 -3.31 13.22 9.30
C TRP A 166 -2.07 14.00 9.74
N ARG A 167 -1.45 13.58 10.87
CA ARG A 167 -0.23 14.23 11.38
C ARG A 167 1.02 13.40 11.10
N PHE A 168 0.87 12.10 10.84
CA PHE A 168 1.99 11.20 10.66
C PHE A 168 1.76 10.23 9.47
N PRO A 169 2.62 10.29 8.43
CA PRO A 169 3.73 11.24 8.24
C PRO A 169 3.18 12.60 7.77
N ASN A 170 3.92 13.69 8.06
CA ASN A 170 3.56 15.07 7.72
C ASN A 170 3.14 15.20 6.25
N PRO A 171 1.88 15.67 5.98
CA PRO A 171 1.39 15.72 4.58
C PRO A 171 2.00 16.79 3.66
N ASP A 172 2.91 17.63 4.16
CA ASP A 172 3.61 18.60 3.33
C ASP A 172 4.84 17.96 2.67
N THR A 173 5.32 16.85 3.24
CA THR A 173 6.56 16.20 2.86
C THR A 173 6.42 14.72 2.43
N TRP A 174 5.43 14.02 2.95
CA TRP A 174 5.11 12.63 2.56
C TRP A 174 3.73 12.68 1.89
N PHE A 175 3.63 12.18 0.65
CA PHE A 175 2.39 12.21 -0.15
C PHE A 175 1.18 11.53 0.53
N LEU A 176 0.25 12.33 1.06
CA LEU A 176 -1.00 11.93 1.72
C LEU A 176 -1.01 10.48 2.25
N GLY A 177 -0.37 10.26 3.40
CA GLY A 177 -0.32 8.96 4.05
C GLY A 177 0.60 7.88 3.50
N HIS A 178 1.32 8.16 2.40
CA HIS A 178 2.25 7.21 1.84
C HIS A 178 3.63 7.60 2.39
N PHE A 179 4.44 6.60 2.73
CA PHE A 179 5.81 6.79 3.20
C PHE A 179 6.72 6.89 1.97
N SER A 180 6.43 7.93 1.14
CA SER A 180 7.10 8.26 -0.12
C SER A 180 6.58 9.63 -0.59
N ASN A 181 7.08 10.09 -1.75
CA ASN A 181 6.68 11.35 -2.40
C ASN A 181 5.62 11.14 -3.46
N GLY A 182 5.05 9.94 -3.50
CA GLY A 182 4.02 9.56 -4.45
C GLY A 182 3.51 8.16 -4.25
N PHE A 183 2.94 7.57 -5.31
CA PHE A 183 2.36 6.23 -5.28
C PHE A 183 3.35 5.14 -4.91
N VAL A 184 2.86 4.13 -4.18
CA VAL A 184 3.68 2.96 -3.82
C VAL A 184 3.51 1.91 -4.98
N TRP A 185 4.34 0.87 -5.01
CA TRP A 185 4.37 -0.15 -6.06
C TRP A 185 3.01 -0.85 -6.32
N THR A 186 2.17 -1.07 -5.26
CA THR A 186 0.87 -1.75 -5.40
C THR A 186 -0.14 -0.89 -6.22
N GLU A 187 -0.06 0.45 -6.09
CA GLU A 187 -0.89 1.43 -6.77
C GLU A 187 -0.56 1.50 -8.26
N TYR A 188 0.72 1.44 -8.61
CA TYR A 188 1.17 1.41 -10.01
C TYR A 188 0.76 0.04 -10.68
N ILE A 189 0.77 -1.07 -9.92
CA ILE A 189 0.34 -2.38 -10.47
C ILE A 189 -1.17 -2.30 -10.76
N ALA A 190 -1.97 -1.80 -9.79
CA ALA A 190 -3.42 -1.61 -9.89
C ALA A 190 -3.79 -0.66 -11.05
N GLN A 191 -3.01 0.40 -11.31
CA GLN A 191 -3.24 1.35 -12.42
C GLN A 191 -3.02 0.64 -13.73
N ALA A 192 -1.89 -0.08 -13.84
CA ALA A 192 -1.55 -0.79 -15.08
C ALA A 192 -2.64 -1.86 -15.42
N LYS A 193 -3.30 -2.41 -14.41
CA LYS A 193 -4.24 -3.48 -14.63
C LYS A 193 -5.66 -3.00 -14.56
N LYS A 194 -5.83 -1.67 -14.35
CA LYS A 194 -7.13 -0.99 -14.27
C LYS A 194 -7.98 -1.65 -13.20
N LEU A 195 -7.34 -2.03 -12.07
CA LEU A 195 -8.05 -2.65 -10.96
C LEU A 195 -8.12 -1.72 -9.73
N PRO A 196 -9.15 -1.81 -8.85
CA PRO A 196 -9.08 -1.05 -7.59
C PRO A 196 -8.09 -1.75 -6.63
N LEU A 197 -7.52 -0.96 -5.74
CA LEU A 197 -6.58 -1.45 -4.76
C LEU A 197 -7.15 -1.18 -3.39
N TYR A 198 -7.30 -2.24 -2.59
CA TYR A 198 -7.78 -2.10 -1.22
C TYR A 198 -6.68 -2.48 -0.26
N ASN A 199 -6.17 -1.46 0.41
CA ASN A 199 -5.02 -1.53 1.29
C ASN A 199 -5.29 -1.86 2.76
N TRP A 200 -4.60 -2.86 3.28
CA TRP A 200 -4.64 -3.25 4.69
C TRP A 200 -3.28 -3.08 5.34
N ALA A 201 -2.24 -2.80 4.54
CA ALA A 201 -0.87 -2.58 5.00
C ALA A 201 -0.81 -1.46 6.04
N VAL A 202 -0.05 -1.65 7.12
CA VAL A 202 0.08 -0.64 8.17
C VAL A 202 1.56 -0.23 8.28
N GLY A 203 1.86 1.04 8.08
CA GLY A 203 3.23 1.53 8.19
C GLY A 203 3.74 1.35 9.60
N GLY A 204 4.89 0.67 9.72
CA GLY A 204 5.52 0.41 11.02
C GLY A 204 6.82 1.16 11.23
N ALA A 205 6.99 2.32 10.54
CA ALA A 205 8.17 3.21 10.61
C ALA A 205 8.33 3.75 12.04
N ALA A 206 9.56 4.17 12.41
CA ALA A 206 9.83 4.66 13.77
C ALA A 206 8.81 5.76 14.14
N GLY A 207 8.06 5.52 15.24
CA GLY A 207 7.04 6.43 15.73
C GLY A 207 5.61 5.99 15.47
N SER A 208 5.40 5.00 14.56
CA SER A 208 4.07 4.47 14.20
C SER A 208 3.32 3.86 15.37
N ASN A 209 4.04 3.16 16.27
CA ASN A 209 3.55 2.49 17.48
C ASN A 209 2.76 3.40 18.44
N GLN A 210 2.89 4.73 18.27
CA GLN A 210 2.21 5.75 19.06
C GLN A 210 0.73 5.95 18.66
N TYR A 211 0.30 5.38 17.52
CA TYR A 211 -1.08 5.56 17.00
C TYR A 211 -1.93 4.29 17.06
N VAL A 212 -1.32 3.14 16.72
CA VAL A 212 -1.91 1.81 16.85
C VAL A 212 -0.82 0.88 17.39
N ALA A 213 -1.21 -0.11 18.21
CA ALA A 213 -0.23 -1.05 18.75
C ALA A 213 0.25 -1.98 17.65
N LEU A 214 1.54 -2.36 17.69
CA LEU A 214 2.17 -3.27 16.73
C LEU A 214 1.47 -4.65 16.75
N THR A 215 0.84 -4.97 15.62
CA THR A 215 0.10 -6.21 15.35
C THR A 215 0.76 -6.87 14.14
N GLY A 216 0.58 -8.18 14.03
CA GLY A 216 1.13 -8.93 12.91
C GLY A 216 0.42 -8.70 11.59
N VAL A 217 1.02 -9.23 10.52
CA VAL A 217 0.44 -9.21 9.19
C VAL A 217 -0.77 -10.19 9.22
N LYS A 218 -0.73 -11.23 10.10
CA LYS A 218 -1.87 -12.16 10.25
C LYS A 218 -3.12 -11.43 10.83
N ASP A 219 -2.93 -10.30 11.56
CA ASP A 219 -4.00 -9.48 12.10
C ASP A 219 -4.59 -8.59 10.99
N GLN A 220 -3.79 -8.31 9.94
CA GLN A 220 -4.26 -7.56 8.78
C GLN A 220 -5.16 -8.50 7.97
N VAL A 221 -4.77 -9.78 7.85
CA VAL A 221 -5.56 -10.80 7.14
C VAL A 221 -6.92 -10.99 7.86
N LEU A 222 -6.90 -11.09 9.21
CA LEU A 222 -8.11 -11.24 10.01
C LEU A 222 -9.00 -10.01 9.87
N SER A 223 -8.42 -8.79 9.93
CA SER A 223 -9.20 -7.56 9.75
C SER A 223 -9.82 -7.58 8.36
N TYR A 224 -9.04 -7.90 7.32
CA TYR A 224 -9.55 -7.99 5.95
C TYR A 224 -10.77 -8.93 5.85
N LEU A 225 -10.60 -10.13 6.34
CA LEU A 225 -11.62 -11.17 6.34
C LEU A 225 -12.96 -10.74 6.95
N THR A 226 -12.94 -9.83 7.98
CA THR A 226 -14.19 -9.32 8.60
C THR A 226 -14.90 -8.35 7.65
N TYR A 227 -14.11 -7.56 6.88
CA TYR A 227 -14.66 -6.62 5.93
C TYR A 227 -15.19 -7.33 4.69
N ALA A 228 -14.49 -8.38 4.23
CA ALA A 228 -14.92 -9.14 3.05
C ALA A 228 -16.22 -9.89 3.37
N LYS A 229 -16.51 -10.14 4.65
CA LYS A 229 -17.75 -10.79 5.05
C LYS A 229 -18.99 -9.87 4.89
N MET A 230 -18.79 -8.54 4.86
CA MET A 230 -19.88 -7.58 4.64
C MET A 230 -20.09 -7.29 3.17
N ALA A 231 -19.08 -7.59 2.34
CA ALA A 231 -19.12 -7.40 0.89
C ALA A 231 -20.16 -8.35 0.26
N LYS A 232 -20.75 -7.92 -0.87
CA LYS A 232 -21.70 -8.70 -1.64
C LYS A 232 -20.98 -9.44 -2.79
N ASN A 233 -21.44 -10.67 -3.07
CA ASN A 233 -20.99 -11.56 -4.17
C ASN A 233 -19.51 -11.75 -4.23
N TYR A 234 -18.87 -11.82 -3.04
CA TYR A 234 -17.43 -11.91 -2.90
C TYR A 234 -16.92 -13.33 -3.10
N LYS A 235 -15.96 -13.46 -4.00
CA LYS A 235 -15.29 -14.71 -4.34
C LYS A 235 -13.81 -14.44 -4.14
N PRO A 236 -13.20 -14.90 -3.02
CA PRO A 236 -11.77 -14.63 -2.80
C PRO A 236 -10.83 -15.20 -3.87
N GLU A 237 -11.31 -16.14 -4.70
CA GLU A 237 -10.48 -16.70 -5.82
C GLU A 237 -10.24 -15.65 -6.90
N ASN A 238 -11.04 -14.59 -6.91
CA ASN A 238 -10.92 -13.52 -7.90
C ASN A 238 -10.18 -12.29 -7.37
N THR A 239 -9.47 -12.44 -6.23
CA THR A 239 -8.69 -11.34 -5.67
C THR A 239 -7.22 -11.60 -5.90
N LEU A 240 -6.49 -10.53 -6.26
CA LEU A 240 -5.06 -10.64 -6.37
C LEU A 240 -4.54 -10.12 -5.04
N PHE A 241 -3.96 -11.01 -4.21
CA PHE A 241 -3.42 -10.56 -2.92
C PHE A 241 -1.95 -10.24 -3.08
N THR A 242 -1.49 -9.18 -2.42
CA THR A 242 -0.05 -8.85 -2.39
C THR A 242 0.38 -8.91 -0.93
N LEU A 243 1.55 -9.51 -0.66
CA LEU A 243 2.03 -9.64 0.72
C LEU A 243 3.52 -9.36 0.83
N GLU A 244 3.88 -8.32 1.61
CA GLU A 244 5.27 -7.96 1.92
C GLU A 244 5.39 -7.56 3.39
N PHE A 245 6.20 -8.26 4.17
CA PHE A 245 6.30 -7.92 5.59
C PHE A 245 7.68 -8.19 6.13
N GLY A 246 8.00 -7.56 7.25
CA GLY A 246 9.25 -7.81 7.96
C GLY A 246 10.24 -6.68 7.92
N LEU A 247 10.08 -5.74 6.97
CA LEU A 247 11.03 -4.63 6.89
C LEU A 247 11.07 -3.85 8.19
N ASN A 248 9.91 -3.34 8.64
CA ASN A 248 9.77 -2.60 9.90
C ASN A 248 10.01 -3.50 11.12
N ASP A 249 9.62 -4.80 11.05
CA ASP A 249 9.80 -5.79 12.12
C ASP A 249 11.27 -6.02 12.50
N PHE A 250 12.18 -6.04 11.51
CA PHE A 250 13.62 -6.21 11.70
C PHE A 250 14.36 -4.89 11.82
N MET A 251 13.94 -3.86 11.06
CA MET A 251 14.59 -2.55 11.10
C MET A 251 14.42 -1.85 12.45
N ASN A 252 13.18 -1.61 12.92
CA ASN A 252 13.04 -0.92 14.21
C ASN A 252 12.36 -1.72 15.33
N TYR A 253 11.58 -2.78 15.06
CA TYR A 253 10.96 -3.49 16.18
C TYR A 253 11.81 -4.67 16.73
N ASN A 254 13.07 -4.82 16.21
CA ASN A 254 14.06 -5.83 16.57
C ASN A 254 13.47 -7.24 16.83
N ARG A 255 12.58 -7.69 15.94
CA ARG A 255 11.93 -8.99 16.06
C ARG A 255 12.88 -10.14 15.67
N GLU A 256 12.63 -11.35 16.17
CA GLU A 256 13.43 -12.52 15.85
C GLU A 256 12.90 -13.18 14.58
N VAL A 257 13.79 -13.71 13.75
CA VAL A 257 13.45 -14.34 12.48
C VAL A 257 12.37 -15.43 12.67
N VAL A 258 12.55 -16.27 13.68
CA VAL A 258 11.63 -17.36 14.03
C VAL A 258 10.19 -16.82 14.31
N ASP A 259 10.05 -15.61 14.93
CA ASP A 259 8.74 -15.01 15.23
C ASP A 259 8.07 -14.40 14.01
N VAL A 260 8.88 -13.75 13.13
CA VAL A 260 8.38 -13.15 11.89
C VAL A 260 7.99 -14.29 10.93
N LYS A 261 8.74 -15.42 10.97
CA LYS A 261 8.49 -16.64 10.18
C LYS A 261 7.10 -17.21 10.52
N THR A 262 6.78 -17.24 11.83
CA THR A 262 5.55 -17.77 12.42
C THR A 262 4.38 -16.86 12.08
N ASP A 263 4.59 -15.54 12.13
CA ASP A 263 3.56 -14.57 11.78
C ASP A 263 3.26 -14.63 10.24
N PHE A 264 4.32 -14.80 9.40
CA PHE A 264 4.22 -14.89 7.94
C PHE A 264 3.46 -16.17 7.49
N SER A 265 3.85 -17.31 8.02
CA SER A 265 3.26 -18.61 7.69
C SER A 265 1.82 -18.69 8.19
N THR A 266 1.52 -18.11 9.40
CA THR A 266 0.15 -18.07 9.96
C THR A 266 -0.76 -17.29 9.00
N ALA A 267 -0.28 -16.14 8.50
CA ALA A 267 -1.00 -15.28 7.57
C ALA A 267 -1.34 -16.01 6.26
N LEU A 268 -0.38 -16.80 5.72
CA LEU A 268 -0.56 -17.58 4.49
C LEU A 268 -1.49 -18.75 4.69
N ILE A 269 -1.48 -19.35 5.88
CA ILE A 269 -2.40 -20.41 6.21
C ILE A 269 -3.81 -19.82 6.29
N LYS A 270 -3.95 -18.67 6.96
CA LYS A 270 -5.22 -17.95 7.12
C LYS A 270 -5.85 -17.52 5.79
N LEU A 271 -5.05 -16.86 4.91
CA LEU A 271 -5.50 -16.41 3.60
C LEU A 271 -5.94 -17.58 2.72
N THR A 272 -5.13 -18.65 2.65
CA THR A 272 -5.41 -19.79 1.77
C THR A 272 -6.54 -20.64 2.34
N ASP A 273 -6.73 -20.66 3.68
CA ASP A 273 -7.87 -21.40 4.25
C ASP A 273 -9.18 -20.69 3.95
N ALA A 274 -9.11 -19.36 3.78
CA ALA A 274 -10.23 -18.46 3.45
C ALA A 274 -10.55 -18.46 1.96
N GLY A 275 -9.77 -19.20 1.15
CA GLY A 275 -10.02 -19.34 -0.27
C GLY A 275 -9.18 -18.55 -1.24
N ALA A 276 -8.12 -17.83 -0.77
CA ALA A 276 -7.21 -17.10 -1.66
C ALA A 276 -6.54 -18.09 -2.64
N LYS A 277 -6.34 -17.69 -3.89
CA LYS A 277 -5.71 -18.56 -4.90
C LYS A 277 -4.59 -17.82 -5.59
N ASN A 278 -4.66 -16.47 -5.60
CA ASN A 278 -3.71 -15.59 -6.29
C ASN A 278 -3.00 -14.73 -5.31
N ILE A 279 -1.71 -15.03 -5.11
CA ILE A 279 -0.86 -14.30 -4.17
C ILE A 279 0.46 -13.88 -4.81
N MET A 280 0.83 -12.61 -4.62
CA MET A 280 2.11 -12.04 -5.05
C MET A 280 2.93 -11.83 -3.79
N LEU A 281 4.14 -12.40 -3.77
CA LEU A 281 5.05 -12.30 -2.65
C LEU A 281 6.36 -11.58 -3.06
N MET A 282 7.06 -10.98 -2.10
CA MET A 282 8.35 -10.38 -2.42
C MET A 282 9.36 -10.49 -1.28
N THR A 283 10.63 -10.68 -1.66
CA THR A 283 11.73 -10.73 -0.70
C THR A 283 11.93 -9.29 -0.18
N LEU A 284 12.61 -9.16 0.97
CA LEU A 284 12.84 -7.84 1.51
C LEU A 284 14.13 -7.23 1.00
N PRO A 285 14.11 -5.94 0.63
CA PRO A 285 15.38 -5.26 0.28
C PRO A 285 16.30 -5.13 1.50
N ASP A 286 17.64 -5.06 1.26
CA ASP A 286 18.60 -4.89 2.34
C ASP A 286 18.42 -3.49 2.92
N ALA A 287 17.70 -3.43 4.04
CA ALA A 287 17.37 -2.23 4.82
C ALA A 287 18.61 -1.44 5.24
N THR A 288 19.72 -2.14 5.51
CA THR A 288 21.00 -1.60 6.00
C THR A 288 21.70 -0.64 5.01
N LYS A 289 21.19 -0.59 3.75
CA LYS A 289 21.66 0.27 2.66
C LYS A 289 20.97 1.66 2.72
N ALA A 290 19.87 1.78 3.50
CA ALA A 290 19.11 3.03 3.66
C ALA A 290 19.99 4.09 4.32
N PRO A 291 19.82 5.40 4.04
CA PRO A 291 20.68 6.41 4.66
C PRO A 291 20.70 6.43 6.18
N GLN A 292 19.63 5.98 6.87
CA GLN A 292 19.62 5.95 8.34
C GLN A 292 20.78 5.16 8.96
N PHE A 293 21.30 4.14 8.23
CA PHE A 293 22.39 3.31 8.72
C PHE A 293 23.78 4.00 8.63
N LYS A 294 23.83 5.30 8.24
CA LYS A 294 25.05 6.13 8.25
C LYS A 294 25.32 6.51 9.71
N TYR A 295 24.26 6.43 10.54
CA TYR A 295 24.22 6.78 11.96
C TYR A 295 24.11 5.56 12.87
N SER A 296 24.33 4.35 12.31
CA SER A 296 24.27 3.06 13.02
C SER A 296 25.69 2.43 13.22
N THR A 297 25.79 1.39 14.08
CA THR A 297 27.08 0.71 14.26
C THR A 297 27.21 -0.33 13.14
N GLN A 298 28.46 -0.74 12.81
CA GLN A 298 28.71 -1.78 11.80
C GLN A 298 28.17 -3.12 12.33
N ALA A 299 28.08 -3.28 13.66
CA ALA A 299 27.54 -4.47 14.31
C ALA A 299 26.04 -4.52 14.07
N GLU A 300 25.34 -3.37 14.19
CA GLU A 300 23.90 -3.30 13.95
C GLU A 300 23.59 -3.55 12.47
N ILE A 301 24.48 -3.12 11.55
CA ILE A 301 24.36 -3.36 10.12
C ILE A 301 24.32 -4.89 9.85
N GLU A 302 25.37 -5.62 10.26
CA GLU A 302 25.51 -7.08 10.09
C GLU A 302 24.38 -7.86 10.75
N LYS A 303 23.94 -7.42 11.95
CA LYS A 303 22.84 -8.04 12.69
C LYS A 303 21.50 -7.90 11.92
N VAL A 304 21.20 -6.71 11.39
CA VAL A 304 19.94 -6.48 10.70
C VAL A 304 19.93 -7.20 9.35
N ARG A 305 21.07 -7.15 8.62
CA ARG A 305 21.30 -7.79 7.32
C ARG A 305 21.12 -9.33 7.43
N ALA A 306 21.71 -9.96 8.44
CA ALA A 306 21.62 -11.40 8.64
C ALA A 306 20.17 -11.85 8.85
N LYS A 307 19.35 -11.04 9.53
CA LYS A 307 17.93 -11.30 9.75
C LYS A 307 17.15 -11.32 8.45
N ILE A 308 17.42 -10.31 7.57
CA ILE A 308 16.79 -10.15 6.27
C ILE A 308 17.13 -11.34 5.36
N VAL A 309 18.45 -11.66 5.22
CA VAL A 309 19.00 -12.74 4.39
C VAL A 309 18.32 -14.06 4.77
N GLU A 310 18.26 -14.38 6.08
CA GLU A 310 17.60 -15.57 6.63
C GLU A 310 16.08 -15.57 6.35
N PHE A 311 15.41 -14.43 6.57
CA PHE A 311 13.96 -14.34 6.33
C PHE A 311 13.62 -14.45 4.83
N ASN A 312 14.47 -13.89 3.94
CA ASN A 312 14.25 -14.02 2.49
C ASN A 312 14.22 -15.46 2.05
N GLU A 313 15.04 -16.29 2.65
CA GLU A 313 15.05 -17.73 2.36
C GLU A 313 13.75 -18.38 2.83
N PHE A 314 13.10 -17.87 3.91
CA PHE A 314 11.81 -18.39 4.36
C PHE A 314 10.68 -17.97 3.40
N ILE A 315 10.72 -16.72 2.87
CA ILE A 315 9.74 -16.21 1.88
C ILE A 315 9.79 -17.09 0.61
N LYS A 316 11.00 -17.38 0.09
CA LYS A 316 11.23 -18.23 -1.09
C LYS A 316 10.69 -19.67 -0.90
N ALA A 317 10.89 -20.28 0.29
CA ALA A 317 10.40 -21.63 0.60
C ALA A 317 8.87 -21.67 0.69
N GLN A 318 8.24 -20.69 1.41
CA GLN A 318 6.77 -20.53 1.49
C GLN A 318 6.13 -20.47 0.08
N ALA A 319 6.74 -19.74 -0.86
CA ALA A 319 6.24 -19.61 -2.23
C ALA A 319 6.30 -20.95 -3.00
N ALA A 320 7.44 -21.67 -2.91
CA ALA A 320 7.65 -22.97 -3.57
C ALA A 320 6.68 -24.00 -2.99
N PHE A 321 6.39 -23.93 -1.68
CA PHE A 321 5.43 -24.80 -1.00
C PHE A 321 3.99 -24.55 -1.51
N TYR A 322 3.62 -23.27 -1.70
CA TYR A 322 2.26 -22.99 -2.17
C TYR A 322 2.11 -23.28 -3.69
N ILE A 323 3.21 -23.20 -4.48
CA ILE A 323 3.18 -23.60 -5.90
C ILE A 323 2.91 -25.11 -6.01
N ILE A 324 3.58 -25.95 -5.21
CA ILE A 324 3.42 -27.42 -5.20
C ILE A 324 2.00 -27.83 -4.73
N GLN A 325 1.37 -27.01 -3.85
CA GLN A 325 -0.01 -27.23 -3.35
C GLN A 325 -1.08 -26.86 -4.43
N GLY A 326 -0.65 -26.17 -5.49
CA GLY A 326 -1.51 -25.81 -6.62
C GLY A 326 -2.04 -24.40 -6.68
N TYR A 327 -1.45 -23.47 -5.89
CA TYR A 327 -1.86 -22.07 -5.83
C TYR A 327 -1.15 -21.26 -6.90
N ASN A 328 -1.68 -20.07 -7.25
CA ASN A 328 -1.11 -19.18 -8.26
C ASN A 328 -0.25 -18.19 -7.52
N ILE A 329 0.98 -18.55 -7.37
CA ILE A 329 1.94 -17.74 -6.63
C ILE A 329 2.95 -17.12 -7.58
N THR A 330 3.30 -15.89 -7.29
CA THR A 330 4.36 -15.15 -7.95
C THR A 330 5.31 -14.70 -6.82
N LEU A 331 6.62 -14.72 -7.10
CA LEU A 331 7.62 -14.25 -6.14
C LEU A 331 8.55 -13.31 -6.88
N TYR A 332 8.78 -12.13 -6.29
CA TYR A 332 9.64 -11.13 -6.88
C TYR A 332 10.85 -10.83 -5.99
N ASP A 333 12.05 -10.90 -6.60
CA ASP A 333 13.28 -10.68 -5.86
C ASP A 333 13.63 -9.20 -5.74
N THR A 334 12.86 -8.50 -4.89
CA THR A 334 13.04 -7.07 -4.57
C THR A 334 14.42 -6.85 -3.98
N HIS A 335 14.94 -7.85 -3.27
CA HIS A 335 16.26 -7.82 -2.65
C HIS A 335 17.37 -7.72 -3.71
N GLY A 336 17.29 -8.56 -4.75
CA GLY A 336 18.22 -8.56 -5.88
C GLY A 336 18.20 -7.22 -6.60
N LEU A 337 16.99 -6.66 -6.81
CA LEU A 337 16.81 -5.36 -7.44
C LEU A 337 17.47 -4.25 -6.61
N PHE A 338 17.14 -4.18 -5.30
CA PHE A 338 17.72 -3.18 -4.39
C PHE A 338 19.20 -3.28 -4.25
N GLU A 339 19.80 -4.45 -4.57
CA GLU A 339 21.26 -4.58 -4.55
C GLU A 339 21.80 -3.88 -5.79
N GLN A 340 21.19 -4.14 -6.96
CA GLN A 340 21.56 -3.57 -8.25
C GLN A 340 21.44 -2.04 -8.22
N LEU A 341 20.35 -1.53 -7.60
CA LEU A 341 20.06 -0.11 -7.42
C LEU A 341 21.08 0.60 -6.56
N THR A 342 21.49 -0.02 -5.44
CA THR A 342 22.40 0.62 -4.51
C THR A 342 23.83 0.47 -5.00
N GLN A 343 24.15 -0.67 -5.66
CA GLN A 343 25.47 -0.94 -6.24
C GLN A 343 25.78 0.01 -7.39
N ASN A 344 24.87 0.08 -8.39
CA ASN A 344 25.05 0.93 -9.57
C ASN A 344 23.74 1.63 -9.97
N PRO A 345 23.41 2.75 -9.26
CA PRO A 345 22.15 3.46 -9.55
C PRO A 345 22.03 4.05 -10.96
N GLN A 346 23.16 4.43 -11.58
CA GLN A 346 23.19 5.00 -12.94
C GLN A 346 22.69 4.00 -13.96
N GLN A 347 23.04 2.73 -13.79
CA GLN A 347 22.64 1.66 -14.72
C GLN A 347 21.13 1.48 -14.82
N HIS A 348 20.40 1.91 -13.79
CA HIS A 348 18.95 1.77 -13.68
C HIS A 348 18.17 3.07 -13.83
N GLY A 349 18.84 4.13 -14.26
CA GLY A 349 18.23 5.43 -14.48
C GLY A 349 18.21 6.34 -13.27
N PHE A 350 19.02 6.04 -12.24
CA PHE A 350 19.07 6.86 -11.02
C PHE A 350 20.43 7.53 -10.88
N VAL A 351 20.53 8.55 -10.04
CA VAL A 351 21.80 9.28 -9.87
C VAL A 351 22.40 9.04 -8.51
N ASN A 352 21.56 8.90 -7.49
CA ASN A 352 22.00 8.74 -6.11
C ASN A 352 21.25 7.62 -5.39
N ALA A 353 22.00 6.72 -4.74
CA ALA A 353 21.45 5.58 -4.01
C ALA A 353 21.92 5.52 -2.55
N SER A 354 22.64 6.56 -2.10
CA SER A 354 23.20 6.57 -0.75
C SER A 354 22.66 7.67 0.15
N ASP A 355 22.03 8.74 -0.42
CA ASP A 355 21.52 9.85 0.37
C ASP A 355 20.03 10.02 0.33
N ALA A 356 19.49 10.61 1.40
CA ALA A 356 18.07 10.94 1.47
C ALA A 356 17.87 12.20 0.60
N CYS A 357 16.87 12.17 -0.29
CA CYS A 357 16.54 13.31 -1.14
C CYS A 357 16.25 14.52 -0.25
N LEU A 358 15.46 14.29 0.84
CA LEU A 358 15.13 15.33 1.81
C LEU A 358 16.34 15.67 2.67
N ASN A 359 16.46 16.92 3.10
CA ASN A 359 17.56 17.39 3.95
C ASN A 359 17.33 16.99 5.44
N ILE A 360 17.45 15.67 5.71
CA ILE A 360 17.29 15.03 7.01
C ILE A 360 18.62 14.36 7.26
N ASN A 361 19.36 14.82 8.30
CA ASN A 361 20.71 14.35 8.56
C ASN A 361 20.85 13.59 9.87
N ARG A 362 19.87 12.70 10.13
CA ARG A 362 19.77 11.91 11.36
C ARG A 362 18.63 10.86 11.17
N ALA A 363 18.49 9.89 12.10
CA ALA A 363 17.45 8.85 12.14
C ALA A 363 16.64 9.05 13.43
N SER A 364 15.50 9.71 13.30
CA SER A 364 14.60 10.06 14.40
C SER A 364 13.15 9.96 13.98
N SER A 365 12.32 9.34 14.84
CA SER A 365 10.87 9.15 14.66
C SER A 365 10.13 10.48 14.59
N ALA A 366 10.62 11.49 15.32
CA ALA A 366 10.04 12.84 15.39
C ALA A 366 10.03 13.56 14.03
N ASP A 367 11.00 13.22 13.15
CA ASP A 367 11.11 13.82 11.83
C ASP A 367 9.89 13.58 10.91
N TYR A 368 9.09 12.51 11.13
CA TYR A 368 7.90 12.26 10.33
C TYR A 368 6.80 13.23 10.68
N LEU A 369 6.92 13.92 11.82
CA LEU A 369 5.91 14.90 12.27
C LEU A 369 6.11 16.28 11.63
N TYR A 370 7.29 16.51 11.02
CA TYR A 370 7.64 17.81 10.46
C TYR A 370 7.82 17.81 8.96
N SER A 371 7.75 19.01 8.37
CA SER A 371 7.98 19.22 6.96
C SER A 371 9.48 19.49 6.81
N HIS A 372 10.04 19.04 5.67
CA HIS A 372 11.46 19.17 5.36
C HIS A 372 11.66 19.63 3.93
N SER A 373 12.73 20.39 3.69
CA SER A 373 13.07 20.79 2.33
C SER A 373 13.95 19.69 1.71
N LEU A 374 13.98 19.65 0.37
CA LEU A 374 14.88 18.77 -0.38
C LEU A 374 16.25 19.40 -0.26
N THR A 375 17.32 18.59 -0.41
CA THR A 375 18.70 19.13 -0.43
C THR A 375 18.86 19.89 -1.76
N ASN A 376 19.94 20.65 -1.88
CA ASN A 376 20.27 21.37 -3.11
C ASN A 376 20.49 20.38 -4.24
N GLU A 377 21.24 19.30 -3.94
CA GLU A 377 21.59 18.19 -4.83
C GLU A 377 20.35 17.49 -5.34
N CYS A 378 19.36 17.22 -4.45
CA CYS A 378 18.13 16.57 -4.92
C CYS A 378 17.23 17.50 -5.73
N ALA A 379 17.21 18.81 -5.44
CA ALA A 379 16.42 19.75 -6.25
C ALA A 379 17.08 19.87 -7.66
N THR A 380 18.40 19.69 -7.74
CA THR A 380 19.18 19.77 -8.98
C THR A 380 18.90 18.56 -9.91
N HIS A 381 18.91 17.35 -9.34
CA HIS A 381 18.72 16.13 -10.11
C HIS A 381 17.27 15.71 -10.26
N SER A 382 16.40 16.12 -9.30
CA SER A 382 14.97 15.80 -9.11
C SER A 382 14.87 14.50 -8.29
N SER A 383 13.80 14.38 -7.47
CA SER A 383 13.55 13.20 -6.64
C SER A 383 13.38 11.91 -7.44
N ASP A 384 13.03 12.03 -8.73
CA ASP A 384 12.90 10.91 -9.67
C ASP A 384 14.28 10.25 -9.95
N LYS A 385 15.39 10.97 -9.64
CA LYS A 385 16.74 10.46 -9.83
C LYS A 385 17.35 9.92 -8.52
N TYR A 386 16.60 9.97 -7.42
CA TYR A 386 17.05 9.48 -6.12
C TYR A 386 16.35 8.16 -5.79
N VAL A 387 17.09 7.23 -5.18
CA VAL A 387 16.53 5.95 -4.76
C VAL A 387 15.73 6.17 -3.46
N PHE A 388 16.27 7.02 -2.54
CA PHE A 388 15.67 7.23 -1.22
C PHE A 388 15.06 8.59 -1.04
N TRP A 389 13.85 8.57 -0.50
CA TRP A 389 13.13 9.81 -0.27
C TRP A 389 13.54 10.41 1.08
N ASP A 390 13.36 9.65 2.14
CA ASP A 390 13.72 10.05 3.49
C ASP A 390 14.93 9.21 3.92
N VAL A 391 15.12 8.93 5.21
CA VAL A 391 16.27 8.12 5.61
C VAL A 391 15.99 6.60 5.49
N THR A 392 14.75 6.20 5.14
CA THR A 392 14.40 4.76 5.13
C THR A 392 13.74 4.29 3.84
N HIS A 393 12.83 5.10 3.32
CA HIS A 393 11.94 4.75 2.25
C HIS A 393 12.36 5.13 0.85
N PRO A 394 12.07 4.23 -0.12
CA PRO A 394 12.32 4.56 -1.53
C PRO A 394 11.36 5.65 -2.09
N THR A 395 11.81 6.38 -3.13
CA THR A 395 11.04 7.40 -3.85
C THR A 395 9.94 6.71 -4.67
N THR A 396 8.99 7.50 -5.22
CA THR A 396 7.91 6.95 -6.02
C THR A 396 8.47 6.38 -7.35
N ALA A 397 9.62 6.89 -7.83
CA ALA A 397 10.30 6.41 -9.03
C ALA A 397 10.80 4.98 -8.84
N VAL A 398 11.30 4.65 -7.63
CA VAL A 398 11.72 3.28 -7.31
C VAL A 398 10.48 2.39 -7.28
N HIS A 399 9.39 2.83 -6.59
CA HIS A 399 8.12 2.06 -6.50
C HIS A 399 7.57 1.74 -7.88
N LYS A 400 7.59 2.71 -8.79
CA LYS A 400 7.21 2.58 -10.19
C LYS A 400 8.14 1.57 -10.93
N TYR A 401 9.46 1.60 -10.64
CA TYR A 401 10.46 0.68 -11.21
C TYR A 401 10.17 -0.79 -10.79
N ILE A 402 9.90 -1.05 -9.49
CA ILE A 402 9.54 -2.38 -8.97
C ILE A 402 8.29 -2.92 -9.68
N ALA A 403 7.25 -2.06 -9.81
CA ALA A 403 5.99 -2.39 -10.48
C ALA A 403 6.25 -2.72 -11.96
N GLU A 404 7.07 -1.92 -12.68
CA GLU A 404 7.42 -2.16 -14.09
C GLU A 404 8.06 -3.51 -14.29
N LYS A 405 9.02 -3.86 -13.40
CA LYS A 405 9.70 -5.15 -13.38
C LYS A 405 8.73 -6.32 -13.10
N MET A 406 7.79 -6.13 -12.16
CA MET A 406 6.82 -7.19 -11.82
C MET A 406 5.83 -7.37 -12.97
N LEU A 407 5.56 -6.28 -13.75
CA LEU A 407 4.64 -6.28 -14.89
C LEU A 407 5.23 -6.84 -16.18
N ALA A 408 6.56 -6.84 -16.33
CA ALA A 408 7.28 -7.29 -17.54
C ALA A 408 6.82 -8.64 -18.10
N PRO A 409 6.86 -8.84 -19.45
CA PRO A 409 6.47 -10.14 -20.03
C PRO A 409 7.32 -11.28 -19.49
N GLY A 410 6.64 -12.35 -19.07
CA GLY A 410 7.31 -13.53 -18.55
C GLY A 410 7.88 -13.39 -17.16
N ALA A 411 7.55 -12.28 -16.45
CA ALA A 411 8.01 -12.07 -15.08
C ALA A 411 7.05 -12.68 -14.03
N GLY A 412 6.05 -13.43 -14.46
CA GLY A 412 5.15 -14.11 -13.52
C GLY A 412 3.65 -13.81 -13.52
N MET A 413 3.25 -12.57 -13.85
CA MET A 413 1.84 -12.11 -13.79
C MET A 413 0.93 -12.75 -14.86
N GLN A 414 1.50 -13.33 -15.92
CA GLN A 414 0.80 -14.09 -16.96
C GLN A 414 -0.04 -15.25 -16.36
N ARG A 415 0.37 -15.76 -15.21
CA ARG A 415 -0.32 -16.85 -14.53
C ARG A 415 -1.68 -16.43 -13.86
N PHE A 416 -1.96 -15.11 -13.77
CA PHE A 416 -3.20 -14.56 -13.19
C PHE A 416 -4.21 -14.21 -14.27
N ASN A 417 -5.50 -14.39 -13.95
CA ASN A 417 -6.58 -14.13 -14.90
C ASN A 417 -6.99 -12.65 -14.98
N PHE A 418 -6.35 -11.83 -15.84
CA PHE A 418 -6.74 -10.43 -15.94
C PHE A 418 -7.78 -10.17 -17.03
N HIS A 419 -8.59 -9.09 -16.85
CA HIS A 419 -9.54 -8.63 -17.88
C HIS A 419 -8.69 -7.88 -18.93
N HIS A 420 -9.18 -7.78 -20.19
CA HIS A 420 -8.55 -6.97 -21.22
C HIS A 420 -9.32 -5.65 -21.30
N HIS A 421 -8.69 -4.59 -21.74
CA HIS A 421 -9.34 -3.28 -21.87
C HIS A 421 -8.92 -2.70 -23.19
N HIS A 422 -9.89 -2.30 -24.02
CA HIS A 422 -9.56 -1.77 -25.33
C HIS A 422 -9.05 -0.33 -25.20
#